data_4ZO2
#
_entry.id   4ZO2
#
_cell.length_a   53.257
_cell.length_b   97.880
_cell.length_c   110.871
_cell.angle_alpha   90.000
_cell.angle_beta   90.000
_cell.angle_gamma   90.000
#
_symmetry.space_group_name_H-M   'P 21 21 21'
#
loop_
_entity.id
_entity.type
_entity.pdbx_description
1 polymer 'Acylhomoserine lactonase'
2 non-polymer 'ZINC ION'
3 water water
#
_entity_poly.entity_id   1
_entity_poly.type   'polypeptide(L)'
_entity_poly.pdbx_seq_one_letter_code
;DDLSGFKKIKLGELELFILTDGYIHEENLISFAPRGNVAELKTILKDNFRADHYIDMAINILLVKTKEKLILMDTGMGIF
ADERTGFLLKSLQKAGFSAHDITDIFLSHAHPDHIGGVVDKQNKLVFPNASIFISKIEHDFWINASIKDFNNSALKAHPE
RLNQIIPALQNILKAIQPKLKFYDLNKTLYSHFNFQLAPGHTPGLTVTTISSGNEKLMYVADLIHSDVILFPHPDWGFSG
DTDLDIATASRKKFLKQLADTKARAFTSHLPWPGLGFTKVKAPGFEWIPESFMN
;
_entity_poly.pdbx_strand_id   A,B
#
loop_
_chem_comp.id
_chem_comp.type
_chem_comp.name
_chem_comp.formula
ZN non-polymer 'ZINC ION' 'Zn 2'
#
# COMPACT_ATOMS: atom_id res chain seq x y z
N ASP A 2 2.49 18.45 -2.86
CA ASP A 2 2.35 17.71 -4.11
C ASP A 2 1.87 16.28 -3.86
N LEU A 3 0.60 16.03 -4.15
CA LEU A 3 -0.07 14.76 -3.92
C LEU A 3 -0.05 13.85 -5.15
N SER A 4 0.77 14.17 -6.15
CA SER A 4 0.82 13.35 -7.35
C SER A 4 1.68 12.12 -7.14
N GLY A 5 1.47 11.10 -7.96
CA GLY A 5 2.25 9.88 -7.83
C GLY A 5 1.71 8.83 -8.77
N PHE A 6 2.48 7.76 -8.96
CA PHE A 6 2.05 6.66 -9.82
C PHE A 6 2.64 5.35 -9.33
N LYS A 7 2.03 4.25 -9.78
CA LYS A 7 2.57 2.93 -9.60
C LYS A 7 2.45 2.17 -10.91
N LYS A 8 3.54 1.59 -11.37
CA LYS A 8 3.53 0.79 -12.58
C LYS A 8 3.36 -0.69 -12.26
N ILE A 9 2.47 -1.38 -12.98
CA ILE A 9 2.36 -2.81 -12.90
C ILE A 9 2.24 -3.39 -14.31
N LYS A 10 2.45 -4.69 -14.42
CA LYS A 10 2.33 -5.38 -15.68
C LYS A 10 1.10 -6.27 -15.66
N LEU A 11 0.40 -6.32 -16.79
CA LEU A 11 -0.75 -7.21 -16.93
CA LEU A 11 -0.76 -7.16 -16.94
C LEU A 11 -0.61 -7.87 -18.29
N GLY A 12 -0.17 -9.12 -18.28
CA GLY A 12 0.17 -9.75 -19.55
C GLY A 12 1.20 -8.91 -20.29
N GLU A 13 0.90 -8.57 -21.55
CA GLU A 13 1.80 -7.74 -22.36
C GLU A 13 1.59 -6.23 -22.16
N LEU A 14 0.63 -5.86 -21.32
CA LEU A 14 0.30 -4.45 -21.13
C LEU A 14 1.10 -3.84 -20.01
N GLU A 15 1.40 -2.55 -20.13
CA GLU A 15 1.96 -1.76 -19.02
C GLU A 15 0.83 -0.92 -18.47
N LEU A 16 0.57 -1.05 -17.17
CA LEU A 16 -0.48 -0.29 -16.50
C LEU A 16 0.20 0.69 -15.55
N PHE A 17 -0.33 1.89 -15.47
CA PHE A 17 0.14 2.89 -14.52
C PHE A 17 -1.06 3.37 -13.72
N ILE A 18 -1.04 3.13 -12.43
CA ILE A 18 -2.07 3.68 -11.57
CA ILE A 18 -2.04 3.66 -11.50
C ILE A 18 -1.61 5.08 -11.19
N LEU A 19 -2.48 6.05 -11.43
CA LEU A 19 -2.21 7.47 -11.21
C LEU A 19 -3.13 7.98 -10.11
N THR A 20 -2.70 8.97 -9.35
CA THR A 20 -3.61 9.62 -8.41
C THR A 20 -3.98 11.04 -8.84
N ASP A 21 -5.23 11.40 -8.67
CA ASP A 21 -5.65 12.78 -8.84
C ASP A 21 -5.59 13.55 -7.53
N GLY A 22 -5.34 12.88 -6.42
CA GLY A 22 -5.50 13.47 -5.11
C GLY A 22 -6.52 12.69 -4.30
N TYR A 23 -7.22 13.35 -3.39
CA TYR A 23 -8.22 12.65 -2.57
C TYR A 23 -9.32 13.60 -2.15
N ILE A 24 -10.44 13.00 -1.77
CA ILE A 24 -11.64 13.68 -1.35
C ILE A 24 -11.74 13.49 0.17
N HIS A 25 -11.70 14.59 0.90
CA HIS A 25 -11.82 14.56 2.35
C HIS A 25 -13.27 14.82 2.73
N GLU A 26 -13.97 13.76 3.12
CA GLU A 26 -15.37 13.93 3.52
C GLU A 26 -15.45 14.10 5.01
N GLU A 27 -15.70 15.33 5.44
CA GLU A 27 -15.56 15.61 6.86
C GLU A 27 -16.85 15.43 7.62
N ASN A 28 -17.93 15.12 6.91
CA ASN A 28 -19.18 14.84 7.60
C ASN A 28 -19.74 13.44 7.31
N LEU A 29 -19.79 12.66 8.35
CA LEU A 29 -20.16 11.27 8.22
C LEU A 29 -21.67 11.04 8.12
N ILE A 30 -22.50 12.01 8.49
CA ILE A 30 -23.95 11.80 8.47
C ILE A 30 -24.42 11.47 7.07
N SER A 31 -23.89 12.14 6.07
CA SER A 31 -24.39 11.88 4.73
C SER A 31 -23.77 10.65 4.03
N PHE A 32 -22.68 10.11 4.59
CA PHE A 32 -21.78 9.29 3.78
C PHE A 32 -22.46 8.03 3.28
N ALA A 33 -23.12 7.34 4.20
CA ALA A 33 -23.79 6.09 3.89
C ALA A 33 -25.25 6.26 4.27
N PRO A 34 -26.09 6.71 3.31
CA PRO A 34 -27.44 7.19 3.65
C PRO A 34 -28.35 6.23 4.41
N ARG A 35 -28.13 4.93 4.23
CA ARG A 35 -28.98 3.95 4.89
C ARG A 35 -28.26 3.24 6.03
N GLY A 36 -27.08 3.76 6.40
CA GLY A 36 -26.41 3.28 7.59
C GLY A 36 -26.69 4.18 8.78
N ASN A 37 -25.81 4.15 9.78
CA ASN A 37 -25.89 5.08 10.89
C ASN A 37 -24.51 5.38 11.41
N VAL A 38 -24.33 6.58 11.92
CA VAL A 38 -23.02 7.08 12.28
C VAL A 38 -22.39 6.32 13.46
N ALA A 39 -23.18 5.89 14.44
CA ALA A 39 -22.62 5.12 15.56
C ALA A 39 -21.95 3.81 15.05
N GLU A 40 -22.65 3.06 14.21
CA GLU A 40 -22.09 1.82 13.71
C GLU A 40 -20.91 2.08 12.77
N LEU A 41 -21.00 3.13 11.97
CA LEU A 41 -19.95 3.53 11.07
C LEU A 41 -18.67 3.90 11.84
N LYS A 42 -18.83 4.69 12.90
CA LYS A 42 -17.69 5.09 13.70
C LYS A 42 -17.04 3.89 14.37
N THR A 43 -17.84 2.93 14.80
CA THR A 43 -17.30 1.74 15.41
C THR A 43 -16.40 1.00 14.42
N ILE A 44 -16.86 0.87 13.18
CA ILE A 44 -16.04 0.21 12.17
C ILE A 44 -14.75 1.00 11.91
N LEU A 45 -14.84 2.32 11.79
CA LEU A 45 -13.64 3.11 11.57
C LEU A 45 -12.64 2.91 12.71
N LYS A 46 -13.10 3.00 13.96
CA LYS A 46 -12.22 2.81 15.10
C LYS A 46 -11.62 1.40 15.15
N ASP A 47 -12.44 0.41 14.81
CA ASP A 47 -11.98 -0.97 14.80
C ASP A 47 -10.87 -1.20 13.75
N ASN A 48 -10.77 -0.31 12.77
CA ASN A 48 -9.74 -0.38 11.74
C ASN A 48 -8.68 0.70 11.89
N PHE A 49 -8.67 1.35 13.06
CA PHE A 49 -7.63 2.34 13.40
C PHE A 49 -7.62 3.50 12.41
N ARG A 50 -8.81 3.84 11.91
CA ARG A 50 -9.01 4.99 11.03
C ARG A 50 -9.55 6.17 11.83
N ALA A 51 -9.39 7.38 11.32
CA ALA A 51 -10.03 8.54 11.95
C ALA A 51 -11.52 8.26 12.05
N ASP A 52 -12.15 8.68 13.13
CA ASP A 52 -13.56 8.33 13.28
C ASP A 52 -14.49 9.50 12.97
N HIS A 53 -13.96 10.58 12.41
CA HIS A 53 -14.80 11.75 12.18
C HIS A 53 -14.71 12.30 10.74
N TYR A 54 -14.03 11.58 9.87
CA TYR A 54 -14.04 11.87 8.44
C TYR A 54 -13.71 10.59 7.70
N ILE A 55 -13.94 10.59 6.38
CA ILE A 55 -13.46 9.52 5.51
C ILE A 55 -12.75 10.14 4.33
N ASP A 56 -11.52 9.71 4.10
CA ASP A 56 -10.79 10.08 2.90
C ASP A 56 -11.01 9.08 1.80
N MET A 57 -11.42 9.56 0.63
CA MET A 57 -11.57 8.72 -0.54
C MET A 57 -10.46 9.06 -1.52
N ALA A 58 -9.75 8.05 -1.99
CA ALA A 58 -8.73 8.21 -3.00
C ALA A 58 -9.38 8.64 -4.33
N ILE A 59 -8.56 9.13 -5.27
CA ILE A 59 -8.99 9.21 -6.68
C ILE A 59 -7.89 8.52 -7.50
N ASN A 60 -8.10 7.23 -7.73
CA ASN A 60 -7.16 6.39 -8.49
C ASN A 60 -7.66 6.31 -9.91
N ILE A 61 -6.72 6.47 -10.84
CA ILE A 61 -6.99 6.51 -12.28
C ILE A 61 -6.06 5.52 -12.99
N LEU A 62 -6.55 4.80 -13.99
CA LEU A 62 -5.75 3.79 -14.68
C LEU A 62 -5.34 4.28 -16.05
N LEU A 63 -4.04 4.19 -16.31
CA LEU A 63 -3.43 4.41 -17.62
C LEU A 63 -2.98 3.07 -18.19
N VAL A 64 -3.40 2.75 -19.40
CA VAL A 64 -3.04 1.47 -20.02
C VAL A 64 -2.27 1.75 -21.31
N LYS A 65 -1.04 1.25 -21.35
CA LYS A 65 -0.23 1.36 -22.56
C LYS A 65 -0.27 0.03 -23.31
N THR A 66 -0.90 0.05 -24.49
CA THR A 66 -0.98 -1.13 -25.32
C THR A 66 0.10 -0.99 -26.37
N LYS A 67 0.14 -1.91 -27.32
CA LYS A 67 1.22 -1.75 -28.28
C LYS A 67 1.11 -0.56 -29.20
N GLU A 68 -0.11 -0.09 -29.43
CA GLU A 68 -0.26 1.07 -30.29
C GLU A 68 -1.06 2.23 -29.68
N LYS A 69 -1.57 2.07 -28.45
CA LYS A 69 -2.43 3.09 -27.86
C LYS A 69 -2.04 3.40 -26.43
N LEU A 70 -2.57 4.51 -25.92
CA LEU A 70 -2.33 4.94 -24.55
C LEU A 70 -3.65 5.46 -24.01
N ILE A 71 -4.24 4.68 -23.11
CA ILE A 71 -5.64 4.85 -22.72
C ILE A 71 -5.71 5.30 -21.29
N LEU A 72 -6.45 6.37 -21.07
CA LEU A 72 -6.72 6.87 -19.75
C LEU A 72 -8.14 6.52 -19.34
N MET A 73 -8.30 5.87 -18.19
CA MET A 73 -9.62 5.53 -17.67
C MET A 73 -9.94 6.52 -16.56
N ASP A 74 -10.83 7.44 -16.92
CA ASP A 74 -11.26 8.57 -16.10
C ASP A 74 -10.14 9.62 -15.94
N THR A 75 -10.53 10.80 -15.43
CA THR A 75 -9.66 11.97 -15.56
C THR A 75 -9.64 12.85 -14.34
N GLY A 76 -10.20 12.37 -13.23
CA GLY A 76 -10.13 13.16 -12.00
C GLY A 76 -11.02 14.40 -11.99
N MET A 77 -10.78 15.28 -11.03
CA MET A 77 -11.61 16.46 -10.77
CA MET A 77 -11.67 16.41 -10.83
C MET A 77 -11.45 17.58 -11.78
N GLY A 78 -10.24 17.75 -12.33
CA GLY A 78 -9.98 18.80 -13.33
C GLY A 78 -10.54 20.14 -12.93
N ILE A 79 -11.48 20.67 -13.72
CA ILE A 79 -12.02 22.02 -13.45
C ILE A 79 -12.77 22.14 -12.14
N PHE A 80 -13.14 21.03 -11.52
CA PHE A 80 -13.80 21.02 -10.22
C PHE A 80 -12.84 20.87 -9.04
N ALA A 81 -11.52 20.84 -9.33
CA ALA A 81 -10.55 20.51 -8.30
C ALA A 81 -10.54 21.51 -7.17
N ASP A 82 -10.29 20.99 -5.97
CA ASP A 82 -9.96 21.79 -4.80
C ASP A 82 -8.46 21.60 -4.49
N GLU A 83 -8.00 22.07 -3.34
CA GLU A 83 -6.56 21.99 -3.07
C GLU A 83 -6.00 20.57 -2.95
N ARG A 84 -6.88 19.58 -2.77
CA ARG A 84 -6.43 18.21 -2.59
C ARG A 84 -6.60 17.36 -3.85
N THR A 85 -7.09 17.95 -4.95
CA THR A 85 -7.35 17.20 -6.17
C THR A 85 -6.86 17.94 -7.40
N GLY A 86 -7.09 17.37 -8.58
CA GLY A 86 -6.56 17.93 -9.81
C GLY A 86 -5.10 17.61 -10.09
N PHE A 87 -4.54 16.60 -9.43
CA PHE A 87 -3.14 16.21 -9.62
C PHE A 87 -2.88 15.24 -10.76
N LEU A 88 -3.90 14.87 -11.51
CA LEU A 88 -3.73 13.88 -12.56
C LEU A 88 -2.58 14.20 -13.53
N LEU A 89 -2.49 15.43 -14.02
CA LEU A 89 -1.49 15.77 -15.02
CA LEU A 89 -1.48 15.70 -15.04
C LEU A 89 -0.08 15.63 -14.44
N LYS A 90 0.06 16.01 -13.18
CA LYS A 90 1.36 15.86 -12.53
C LYS A 90 1.71 14.36 -12.32
N SER A 91 0.72 13.54 -11.99
CA SER A 91 0.96 12.11 -11.87
C SER A 91 1.31 11.49 -13.21
N LEU A 92 0.59 11.90 -14.25
CA LEU A 92 0.84 11.43 -15.61
C LEU A 92 2.27 11.75 -16.03
N GLN A 93 2.71 12.97 -15.72
CA GLN A 93 4.07 13.39 -16.02
C GLN A 93 5.11 12.54 -15.28
N LYS A 94 4.87 12.24 -14.00
CA LYS A 94 5.79 11.40 -13.23
C LYS A 94 5.88 10.02 -13.86
N ALA A 95 4.76 9.50 -14.36
CA ALA A 95 4.74 8.19 -15.01
C ALA A 95 5.46 8.18 -16.37
N GLY A 96 5.76 9.38 -16.90
CA GLY A 96 6.51 9.53 -18.13
C GLY A 96 5.78 10.06 -19.34
N PHE A 97 4.59 10.63 -19.16
CA PHE A 97 3.72 10.98 -20.30
C PHE A 97 3.19 12.40 -20.22
N SER A 98 2.82 12.96 -21.37
CA SER A 98 2.15 14.24 -21.41
C SER A 98 0.72 14.05 -21.91
N ALA A 99 -0.09 15.10 -21.78
CA ALA A 99 -1.46 15.04 -22.26
C ALA A 99 -1.54 14.72 -23.75
N HIS A 100 -0.59 15.22 -24.54
CA HIS A 100 -0.62 14.98 -25.96
C HIS A 100 -0.43 13.51 -26.35
N ASP A 101 0.11 12.70 -25.42
CA ASP A 101 0.37 11.28 -25.68
C ASP A 101 -0.90 10.42 -25.62
N ILE A 102 -1.92 10.90 -24.92
CA ILE A 102 -3.13 10.10 -24.72
C ILE A 102 -3.91 9.93 -26.03
N THR A 103 -4.22 8.69 -26.39
CA THR A 103 -4.96 8.39 -27.63
C THR A 103 -6.46 8.17 -27.39
N ASP A 104 -6.83 7.74 -26.19
CA ASP A 104 -8.22 7.41 -25.89
C ASP A 104 -8.47 7.65 -24.43
N ILE A 105 -9.64 8.16 -24.08
CA ILE A 105 -10.11 8.27 -22.72
C ILE A 105 -11.40 7.46 -22.60
N PHE A 106 -11.46 6.58 -21.61
CA PHE A 106 -12.67 5.85 -21.30
C PHE A 106 -13.27 6.44 -20.04
N LEU A 107 -14.46 7.02 -20.16
CA LEU A 107 -15.17 7.53 -18.99
C LEU A 107 -16.06 6.46 -18.38
N SER A 108 -15.89 6.18 -17.09
CA SER A 108 -16.78 5.22 -16.45
C SER A 108 -18.17 5.80 -16.24
N HIS A 109 -18.22 7.10 -15.98
CA HIS A 109 -19.46 7.85 -15.77
C HIS A 109 -19.11 9.32 -15.75
N ALA A 110 -20.13 10.17 -15.75
CA ALA A 110 -19.89 11.61 -15.92
C ALA A 110 -19.90 12.45 -14.65
N HIS A 111 -19.62 11.85 -13.50
CA HIS A 111 -19.50 12.63 -12.26
C HIS A 111 -18.27 13.55 -12.30
N PRO A 112 -18.30 14.64 -11.50
CA PRO A 112 -17.25 15.66 -11.58
C PRO A 112 -15.84 15.11 -11.33
N ASP A 113 -15.72 14.11 -10.44
CA ASP A 113 -14.42 13.55 -10.10
C ASP A 113 -13.93 12.52 -11.10
N HIS A 114 -14.64 12.34 -12.22
CA HIS A 114 -14.23 11.42 -13.30
C HIS A 114 -14.09 12.14 -14.64
N ILE A 115 -14.98 13.11 -14.90
CA ILE A 115 -15.01 13.80 -16.18
C ILE A 115 -14.40 15.21 -16.10
N GLY A 116 -14.10 15.68 -14.89
CA GLY A 116 -13.66 17.06 -14.71
C GLY A 116 -12.37 17.40 -15.43
N GLY A 117 -11.51 16.39 -15.61
CA GLY A 117 -10.21 16.60 -16.22
C GLY A 117 -10.17 16.60 -17.73
N VAL A 118 -11.30 16.40 -18.42
CA VAL A 118 -11.25 16.34 -19.90
C VAL A 118 -11.16 17.69 -20.57
N VAL A 119 -11.54 18.75 -19.86
CA VAL A 119 -11.42 20.10 -20.37
C VAL A 119 -10.74 20.99 -19.36
N ASP A 120 -10.28 22.14 -19.84
CA ASP A 120 -9.72 23.16 -18.95
C ASP A 120 -10.79 24.21 -18.63
N LYS A 121 -10.41 25.28 -17.95
CA LYS A 121 -11.42 26.24 -17.53
C LYS A 121 -11.94 27.14 -18.65
N GLN A 122 -11.41 26.98 -19.85
CA GLN A 122 -11.95 27.65 -21.03
C GLN A 122 -12.75 26.66 -21.87
N ASN A 123 -13.00 25.49 -21.29
CA ASN A 123 -13.75 24.41 -21.93
C ASN A 123 -13.03 23.89 -23.17
N LYS A 124 -11.70 24.06 -23.22
CA LYS A 124 -10.86 23.46 -24.26
C LYS A 124 -10.41 22.06 -23.84
N LEU A 125 -10.32 21.14 -24.79
CA LEU A 125 -9.86 19.78 -24.50
C LEU A 125 -8.48 19.79 -23.88
N VAL A 126 -8.29 18.96 -22.85
CA VAL A 126 -6.99 18.86 -22.22
C VAL A 126 -6.11 17.87 -22.99
N PHE A 127 -6.75 16.87 -23.59
CA PHE A 127 -6.06 15.81 -24.28
C PHE A 127 -6.40 15.92 -25.76
N PRO A 128 -5.64 16.74 -26.50
CA PRO A 128 -6.08 17.17 -27.83
C PRO A 128 -6.16 16.04 -28.85
N ASN A 129 -5.43 14.96 -28.61
CA ASN A 129 -5.35 13.85 -29.56
C ASN A 129 -6.20 12.65 -29.16
N ALA A 130 -7.05 12.80 -28.15
CA ALA A 130 -7.78 11.66 -27.61
C ALA A 130 -9.24 11.57 -28.02
N SER A 131 -9.65 10.39 -28.52
CA SER A 131 -11.08 10.06 -28.55
C SER A 131 -11.55 9.88 -27.13
N ILE A 132 -12.84 10.13 -26.91
CA ILE A 132 -13.43 9.95 -25.59
C ILE A 132 -14.64 9.03 -25.71
N PHE A 133 -14.70 8.04 -24.84
CA PHE A 133 -15.80 7.07 -24.80
C PHE A 133 -16.64 7.24 -23.55
N ILE A 134 -17.94 7.00 -23.71
CA ILE A 134 -18.88 7.01 -22.59
C ILE A 134 -20.00 6.05 -22.99
N SER A 135 -20.78 5.56 -22.04
CA SER A 135 -21.95 4.77 -22.44
C SER A 135 -23.04 5.71 -22.95
N LYS A 136 -23.80 5.25 -23.94
CA LYS A 136 -24.89 6.06 -24.46
C LYS A 136 -25.89 6.39 -23.33
N ILE A 137 -26.18 5.44 -22.45
CA ILE A 137 -27.13 5.67 -21.36
C ILE A 137 -26.65 6.75 -20.43
N GLU A 138 -25.36 6.73 -20.09
CA GLU A 138 -24.79 7.77 -19.25
C GLU A 138 -24.93 9.16 -19.88
N HIS A 139 -24.54 9.26 -21.16
CA HIS A 139 -24.63 10.51 -21.89
C HIS A 139 -26.06 11.04 -21.90
N ASP A 140 -26.98 10.17 -22.27
CA ASP A 140 -28.37 10.57 -22.46
C ASP A 140 -29.00 10.95 -21.12
N PHE A 141 -28.55 10.34 -20.04
CA PHE A 141 -29.05 10.71 -18.73
C PHE A 141 -28.68 12.18 -18.42
N TRP A 142 -27.39 12.50 -18.45
CA TRP A 142 -26.97 13.81 -17.96
C TRP A 142 -27.43 14.94 -18.87
N ILE A 143 -27.53 14.70 -20.19
CA ILE A 143 -28.07 15.70 -21.13
C ILE A 143 -29.51 16.05 -20.80
N ASN A 144 -30.24 15.09 -20.23
CA ASN A 144 -31.67 15.22 -20.02
C ASN A 144 -32.09 15.29 -18.56
N ALA A 145 -31.12 15.29 -17.65
CA ALA A 145 -31.40 15.14 -16.21
C ALA A 145 -32.08 16.36 -15.58
N SER A 146 -32.94 16.07 -14.61
CA SER A 146 -33.53 17.12 -13.79
C SER A 146 -33.56 16.68 -12.33
N ILE A 147 -33.87 17.62 -11.44
CA ILE A 147 -33.90 17.34 -10.01
C ILE A 147 -34.76 16.14 -9.63
N LYS A 148 -35.90 15.98 -10.28
CA LYS A 148 -36.80 14.86 -9.95
C LYS A 148 -36.15 13.50 -10.19
N ASP A 149 -35.18 13.44 -11.10
CA ASP A 149 -34.49 12.17 -11.35
C ASP A 149 -33.64 11.67 -10.15
N PHE A 150 -33.45 12.53 -9.16
CA PHE A 150 -32.69 12.25 -7.96
C PHE A 150 -33.55 11.99 -6.73
N ASN A 151 -34.84 11.73 -6.94
CA ASN A 151 -35.70 11.52 -5.78
C ASN A 151 -35.44 10.21 -5.01
N ASN A 152 -34.62 9.32 -5.57
CA ASN A 152 -34.17 8.15 -4.80
C ASN A 152 -32.68 8.20 -4.52
N SER A 153 -32.16 9.42 -4.38
CA SER A 153 -30.77 9.70 -4.04
C SER A 153 -30.73 10.52 -2.75
N ALA A 154 -29.70 10.36 -1.93
CA ALA A 154 -29.43 11.29 -0.83
C ALA A 154 -29.24 12.71 -1.35
N LEU A 155 -28.84 12.86 -2.61
CA LEU A 155 -28.60 14.16 -3.24
C LEU A 155 -29.87 15.00 -3.35
N LYS A 156 -31.04 14.39 -3.21
CA LYS A 156 -32.28 15.15 -3.20
C LYS A 156 -32.31 16.21 -2.07
N ALA A 157 -31.47 16.06 -1.04
CA ALA A 157 -31.34 17.06 0.04
C ALA A 157 -30.64 18.33 -0.43
N HIS A 158 -30.03 18.29 -1.60
CA HIS A 158 -29.22 19.39 -2.08
C HIS A 158 -29.63 19.86 -3.48
N PRO A 159 -30.87 20.36 -3.61
CA PRO A 159 -31.31 20.77 -4.95
C PRO A 159 -30.52 21.97 -5.52
N GLU A 160 -30.06 22.90 -4.68
CA GLU A 160 -29.23 23.99 -5.19
C GLU A 160 -27.94 23.46 -5.78
N ARG A 161 -27.32 22.48 -5.11
CA ARG A 161 -26.09 21.89 -5.63
C ARG A 161 -26.37 21.17 -6.96
N LEU A 162 -27.45 20.40 -7.03
CA LEU A 162 -27.80 19.70 -8.26
C LEU A 162 -28.01 20.66 -9.41
N ASN A 163 -28.67 21.78 -9.12
CA ASN A 163 -28.91 22.78 -10.13
C ASN A 163 -27.64 23.48 -10.59
N GLN A 164 -26.57 23.39 -9.82
CA GLN A 164 -25.27 23.88 -10.28
C GLN A 164 -24.49 22.80 -11.06
N ILE A 165 -24.51 21.57 -10.53
CA ILE A 165 -23.76 20.46 -11.09
C ILE A 165 -24.27 19.98 -12.44
N ILE A 166 -25.59 19.88 -12.60
CA ILE A 166 -26.12 19.32 -13.85
C ILE A 166 -25.71 20.18 -15.05
N PRO A 167 -25.91 21.51 -15.01
CA PRO A 167 -25.44 22.31 -16.15
C PRO A 167 -23.93 22.28 -16.31
N ALA A 168 -23.18 22.19 -15.23
CA ALA A 168 -21.73 22.14 -15.36
C ALA A 168 -21.30 20.85 -16.12
N LEU A 169 -21.92 19.72 -15.80
CA LEU A 169 -21.60 18.47 -16.47
C LEU A 169 -22.09 18.52 -17.93
N GLN A 170 -23.26 19.10 -18.15
CA GLN A 170 -23.77 19.27 -19.50
C GLN A 170 -22.84 20.11 -20.35
N ASN A 171 -22.25 21.15 -19.76
CA ASN A 171 -21.32 21.99 -20.51
C ASN A 171 -20.07 21.21 -20.91
N ILE A 172 -19.58 20.34 -20.04
CA ILE A 172 -18.47 19.50 -20.41
C ILE A 172 -18.86 18.53 -21.54
N LEU A 173 -20.04 17.91 -21.43
CA LEU A 173 -20.47 16.97 -22.46
C LEU A 173 -20.60 17.67 -23.81
N LYS A 174 -21.02 18.92 -23.79
CA LYS A 174 -21.09 19.70 -25.01
CA LYS A 174 -21.08 19.76 -24.98
C LYS A 174 -19.71 19.98 -25.60
N ALA A 175 -18.75 20.29 -24.75
CA ALA A 175 -17.39 20.58 -25.23
C ALA A 175 -16.74 19.36 -25.88
N ILE A 176 -17.00 18.16 -25.36
CA ILE A 176 -16.28 16.99 -25.87
C ILE A 176 -17.03 16.22 -26.96
N GLN A 177 -18.23 16.70 -27.26
CA GLN A 177 -19.09 16.17 -28.31
CA GLN A 177 -19.07 16.13 -28.30
C GLN A 177 -18.31 15.68 -29.57
N PRO A 178 -17.44 16.54 -30.15
CA PRO A 178 -16.80 16.13 -31.42
C PRO A 178 -15.86 14.91 -31.30
N LYS A 179 -15.44 14.58 -30.09
CA LYS A 179 -14.52 13.48 -29.85
C LYS A 179 -15.23 12.27 -29.26
N LEU A 180 -16.52 12.40 -28.97
CA LEU A 180 -17.22 11.44 -28.12
C LEU A 180 -17.77 10.28 -28.92
N LYS A 181 -17.46 9.07 -28.47
CA LYS A 181 -17.99 7.81 -28.99
C LYS A 181 -18.73 7.07 -27.89
N PHE A 182 -19.69 6.22 -28.27
CA PHE A 182 -20.40 5.40 -27.26
C PHE A 182 -19.85 3.98 -27.26
N TYR A 183 -19.67 3.40 -26.07
CA TYR A 183 -19.23 2.01 -25.97
C TYR A 183 -20.13 1.05 -26.72
N ASP A 184 -19.53 0.08 -27.37
CA ASP A 184 -20.24 -1.09 -27.82
C ASP A 184 -20.08 -2.12 -26.70
N LEU A 185 -21.18 -2.43 -26.03
CA LEU A 185 -21.14 -3.33 -24.88
C LEU A 185 -20.98 -4.79 -25.27
N ASN A 186 -20.99 -5.07 -26.58
CA ASN A 186 -20.97 -6.44 -27.09
C ASN A 186 -19.72 -6.83 -27.85
N LYS A 187 -18.71 -5.96 -27.90
CA LYS A 187 -17.47 -6.27 -28.62
C LYS A 187 -16.24 -5.90 -27.82
N THR A 188 -15.17 -6.65 -28.01
CA THR A 188 -13.87 -6.29 -27.45
C THR A 188 -13.28 -5.13 -28.23
N LEU A 189 -12.81 -4.11 -27.52
CA LEU A 189 -12.20 -2.95 -28.15
C LEU A 189 -10.68 -3.01 -28.03
N TYR A 190 -9.99 -2.75 -29.14
CA TYR A 190 -8.53 -2.66 -29.18
C TYR A 190 -7.81 -3.89 -28.65
N SER A 191 -8.46 -5.05 -28.78
CA SER A 191 -7.94 -6.34 -28.33
C SER A 191 -7.81 -6.53 -26.84
N HIS A 192 -8.23 -5.56 -26.03
CA HIS A 192 -7.96 -5.65 -24.59
C HIS A 192 -9.10 -5.25 -23.69
N PHE A 193 -10.15 -4.61 -24.21
CA PHE A 193 -11.14 -3.97 -23.34
C PHE A 193 -12.56 -4.45 -23.62
N ASN A 194 -13.27 -4.76 -22.55
CA ASN A 194 -14.69 -5.13 -22.62
C ASN A 194 -15.47 -4.30 -21.62
N PHE A 195 -16.68 -3.92 -21.99
CA PHE A 195 -17.47 -2.97 -21.22
C PHE A 195 -18.82 -3.55 -20.87
N GLN A 196 -19.29 -3.26 -19.67
CA GLN A 196 -20.66 -3.64 -19.27
C GLN A 196 -21.16 -2.61 -18.28
N LEU A 197 -22.48 -2.51 -18.15
CA LEU A 197 -23.07 -1.54 -17.23
C LEU A 197 -23.28 -2.09 -15.85
N ALA A 198 -23.14 -1.20 -14.86
CA ALA A 198 -23.45 -1.49 -13.45
C ALA A 198 -24.29 -0.31 -12.96
N PRO A 199 -25.56 -0.23 -13.38
CA PRO A 199 -26.34 0.99 -13.12
C PRO A 199 -26.63 1.21 -11.64
N GLY A 200 -26.92 2.46 -11.30
CA GLY A 200 -27.42 2.82 -9.99
C GLY A 200 -26.64 3.98 -9.41
N HIS A 201 -25.33 3.85 -9.33
CA HIS A 201 -24.53 4.99 -8.92
C HIS A 201 -24.79 6.16 -9.89
N THR A 202 -24.76 5.85 -11.19
CA THR A 202 -25.39 6.65 -12.24
C THR A 202 -26.04 5.64 -13.19
N PRO A 203 -26.94 6.10 -14.08
CA PRO A 203 -27.65 5.10 -14.90
C PRO A 203 -26.75 4.35 -15.88
N GLY A 204 -25.66 4.98 -16.30
CA GLY A 204 -24.78 4.38 -17.29
C GLY A 204 -23.38 4.10 -16.79
N LEU A 205 -23.20 3.92 -15.48
CA LEU A 205 -21.89 3.56 -14.93
C LEU A 205 -21.39 2.30 -15.65
N THR A 206 -20.17 2.38 -16.18
CA THR A 206 -19.58 1.31 -17.00
C THR A 206 -18.40 0.73 -16.25
N VAL A 207 -18.37 -0.60 -16.22
CA VAL A 207 -17.28 -1.41 -15.64
C VAL A 207 -16.47 -1.96 -16.80
N THR A 208 -15.14 -1.79 -16.75
CA THR A 208 -14.28 -2.18 -17.83
C THR A 208 -13.38 -3.33 -17.42
N THR A 209 -13.35 -4.37 -18.24
CA THR A 209 -12.40 -5.45 -18.03
C THR A 209 -11.24 -5.27 -19.00
N ILE A 210 -10.04 -5.29 -18.46
CA ILE A 210 -8.80 -5.20 -19.19
C ILE A 210 -8.17 -6.59 -19.23
N SER A 211 -7.81 -7.08 -20.41
CA SER A 211 -7.24 -8.41 -20.49
CA SER A 211 -7.30 -8.43 -20.56
C SER A 211 -6.06 -8.47 -21.43
N SER A 212 -5.10 -9.32 -21.08
CA SER A 212 -3.96 -9.62 -21.95
C SER A 212 -3.39 -10.95 -21.49
N GLY A 213 -3.13 -11.84 -22.43
CA GLY A 213 -2.62 -13.14 -22.07
C GLY A 213 -3.59 -13.87 -21.16
N ASN A 214 -3.02 -14.40 -20.08
CA ASN A 214 -3.66 -15.10 -18.97
CA ASN A 214 -3.75 -15.12 -19.06
C ASN A 214 -4.31 -14.24 -17.93
N GLU A 215 -4.20 -12.93 -18.07
CA GLU A 215 -4.57 -12.03 -16.96
C GLU A 215 -5.72 -11.11 -17.31
N LYS A 216 -6.52 -10.80 -16.30
CA LYS A 216 -7.65 -9.89 -16.42
C LYS A 216 -7.71 -8.98 -15.20
N LEU A 217 -8.15 -7.76 -15.37
CA LEU A 217 -8.37 -6.81 -14.28
C LEU A 217 -9.70 -6.12 -14.52
N MET A 218 -10.54 -5.99 -13.50
CA MET A 218 -11.84 -5.35 -13.63
CA MET A 218 -11.82 -5.32 -13.65
C MET A 218 -11.80 -3.97 -12.97
N TYR A 219 -11.93 -2.92 -13.78
CA TYR A 219 -12.06 -1.56 -13.24
C TYR A 219 -13.53 -1.33 -12.91
N VAL A 220 -13.87 -1.34 -11.62
CA VAL A 220 -15.26 -1.22 -11.18
C VAL A 220 -15.61 0.20 -10.79
N ALA A 221 -14.68 1.13 -10.97
CA ALA A 221 -14.96 2.56 -10.81
C ALA A 221 -15.64 2.80 -9.47
N ASP A 222 -16.90 3.31 -9.50
CA ASP A 222 -17.62 3.79 -8.32
C ASP A 222 -18.68 2.81 -7.83
N LEU A 223 -18.45 1.53 -8.06
CA LEU A 223 -19.32 0.51 -7.52
C LEU A 223 -19.40 0.60 -6.00
N ILE A 224 -18.29 1.00 -5.37
CA ILE A 224 -18.17 0.94 -3.91
C ILE A 224 -17.17 2.01 -3.44
N HIS A 225 -17.46 2.66 -2.32
CA HIS A 225 -16.72 3.86 -1.90
C HIS A 225 -15.97 3.72 -0.60
N SER A 226 -16.13 2.60 0.10
CA SER A 226 -15.40 2.37 1.34
C SER A 226 -15.06 0.89 1.47
N ASP A 227 -13.79 0.59 1.70
CA ASP A 227 -13.37 -0.79 1.92
C ASP A 227 -13.93 -1.35 3.23
N VAL A 228 -13.86 -0.59 4.33
CA VAL A 228 -14.22 -1.17 5.61
C VAL A 228 -15.71 -1.05 5.92
N ILE A 229 -16.43 -0.12 5.28
CA ILE A 229 -17.85 0.08 5.57
CA ILE A 229 -17.85 0.04 5.59
C ILE A 229 -18.76 -0.67 4.58
N LEU A 230 -18.51 -0.46 3.28
CA LEU A 230 -19.51 -0.86 2.30
C LEU A 230 -19.32 -2.29 1.77
N PHE A 231 -18.20 -2.93 2.05
CA PHE A 231 -18.07 -4.38 1.79
C PHE A 231 -18.91 -5.19 2.80
N PRO A 232 -18.81 -4.93 4.13
CA PRO A 232 -19.73 -5.69 5.02
C PRO A 232 -21.19 -5.22 4.92
N HIS A 233 -21.41 -3.97 4.54
CA HIS A 233 -22.75 -3.35 4.57
C HIS A 233 -23.06 -2.70 3.22
N PRO A 234 -23.13 -3.50 2.15
CA PRO A 234 -23.33 -2.86 0.84
C PRO A 234 -24.68 -2.17 0.70
N ASP A 235 -25.68 -2.56 1.51
CA ASP A 235 -26.99 -1.93 1.42
C ASP A 235 -27.03 -0.55 2.14
N TRP A 236 -25.95 -0.09 2.78
CA TRP A 236 -25.95 1.24 3.40
C TRP A 236 -25.88 2.36 2.38
N GLY A 237 -25.37 2.06 1.19
CA GLY A 237 -25.32 3.01 0.11
C GLY A 237 -24.25 4.07 0.24
N PHE A 238 -24.21 4.97 -0.74
CA PHE A 238 -23.27 6.07 -0.76
C PHE A 238 -24.03 7.34 -1.13
N SER A 239 -23.63 8.44 -0.51
CA SER A 239 -24.27 9.75 -0.68
C SER A 239 -24.46 10.18 -2.14
N GLY A 240 -23.50 9.81 -3.00
CA GLY A 240 -23.51 10.21 -4.40
C GLY A 240 -24.30 9.31 -5.34
N ASP A 241 -24.80 8.18 -4.85
CA ASP A 241 -25.54 7.26 -5.72
C ASP A 241 -26.79 7.96 -6.26
N THR A 242 -27.01 7.89 -7.57
CA THR A 242 -28.22 8.47 -8.19
C THR A 242 -29.50 7.74 -7.78
N ASP A 243 -29.43 6.42 -7.69
CA ASP A 243 -30.56 5.62 -7.23
C ASP A 243 -30.03 4.60 -6.22
N LEU A 244 -30.40 4.79 -4.96
CA LEU A 244 -29.80 3.96 -3.91
C LEU A 244 -30.14 2.49 -4.06
N ASP A 245 -31.38 2.18 -4.44
CA ASP A 245 -31.79 0.78 -4.55
C ASP A 245 -31.14 0.07 -5.72
N ILE A 246 -31.07 0.72 -6.87
CA ILE A 246 -30.43 0.12 -8.03
C ILE A 246 -28.93 -0.03 -7.78
N ALA A 247 -28.33 0.99 -7.16
CA ALA A 247 -26.88 0.93 -6.84
C ALA A 247 -26.58 -0.21 -5.86
N THR A 248 -27.45 -0.45 -4.88
CA THR A 248 -27.22 -1.54 -3.95
C THR A 248 -27.26 -2.87 -4.69
N ALA A 249 -28.26 -3.04 -5.56
CA ALA A 249 -28.36 -4.29 -6.31
C ALA A 249 -27.10 -4.51 -7.18
N SER A 250 -26.64 -3.48 -7.87
CA SER A 250 -25.43 -3.62 -8.69
C SER A 250 -24.20 -3.93 -7.85
N ARG A 251 -24.10 -3.26 -6.70
CA ARG A 251 -22.99 -3.49 -5.79
C ARG A 251 -22.92 -4.94 -5.36
N LYS A 252 -24.07 -5.48 -4.95
CA LYS A 252 -24.14 -6.86 -4.51
C LYS A 252 -23.86 -7.83 -5.67
N LYS A 253 -24.36 -7.52 -6.86
CA LYS A 253 -24.13 -8.37 -8.04
C LYS A 253 -22.64 -8.47 -8.36
N PHE A 254 -21.97 -7.34 -8.45
CA PHE A 254 -20.57 -7.39 -8.85
C PHE A 254 -19.63 -7.83 -7.73
N LEU A 255 -19.95 -7.52 -6.47
CA LEU A 255 -19.14 -8.08 -5.38
C LEU A 255 -19.24 -9.60 -5.40
N LYS A 256 -20.44 -10.14 -5.63
CA LYS A 256 -20.61 -11.58 -5.66
C LYS A 256 -19.82 -12.19 -6.82
N GLN A 257 -19.84 -11.53 -8.00
CA GLN A 257 -19.05 -12.03 -9.11
C GLN A 257 -17.55 -12.04 -8.80
N LEU A 258 -17.05 -10.95 -8.24
CA LEU A 258 -15.63 -10.86 -7.88
C LEU A 258 -15.28 -11.94 -6.87
N ALA A 259 -16.15 -12.17 -5.90
CA ALA A 259 -15.89 -13.19 -4.87
C ALA A 259 -15.87 -14.57 -5.49
N ASP A 260 -16.88 -14.87 -6.31
CA ASP A 260 -17.02 -16.20 -6.88
C ASP A 260 -15.87 -16.54 -7.82
N THR A 261 -15.37 -15.54 -8.53
CA THR A 261 -14.33 -15.77 -9.52
C THR A 261 -12.91 -15.51 -8.99
N LYS A 262 -12.81 -14.98 -7.77
CA LYS A 262 -11.52 -14.62 -7.15
C LYS A 262 -10.75 -13.61 -8.00
N ALA A 263 -11.48 -12.80 -8.76
CA ALA A 263 -10.86 -11.85 -9.67
C ALA A 263 -10.38 -10.56 -8.99
N ARG A 264 -9.30 -10.01 -9.52
CA ARG A 264 -8.77 -8.76 -9.01
C ARG A 264 -9.57 -7.58 -9.58
N ALA A 265 -9.80 -6.58 -8.74
CA ALA A 265 -10.48 -5.36 -9.16
C ALA A 265 -9.59 -4.17 -8.93
N PHE A 266 -9.83 -3.14 -9.73
CA PHE A 266 -9.27 -1.81 -9.54
C PHE A 266 -10.42 -0.84 -9.30
N THR A 267 -10.24 0.02 -8.31
CA THR A 267 -11.31 0.89 -7.83
C THR A 267 -10.88 2.34 -7.83
N SER A 268 -11.83 3.24 -8.09
CA SER A 268 -11.54 4.66 -8.06
C SER A 268 -11.22 5.21 -6.69
N HIS A 269 -11.92 4.72 -5.67
CA HIS A 269 -11.95 5.49 -4.42
C HIS A 269 -11.48 4.72 -3.19
N LEU A 270 -11.13 3.44 -3.31
CA LEU A 270 -10.61 2.69 -2.16
C LEU A 270 -9.14 3.09 -1.96
N PRO A 271 -8.55 2.79 -0.78
CA PRO A 271 -7.20 3.31 -0.51
C PRO A 271 -6.18 2.85 -1.56
N TRP A 272 -5.18 3.71 -1.75
CA TRP A 272 -4.12 3.52 -2.72
C TRP A 272 -3.41 2.18 -2.59
N PRO A 273 -3.12 1.47 -3.70
CA PRO A 273 -3.36 1.84 -5.09
C PRO A 273 -4.70 1.32 -5.67
N GLY A 274 -5.65 0.97 -4.81
CA GLY A 274 -6.99 0.70 -5.26
C GLY A 274 -7.20 -0.71 -5.84
N LEU A 275 -6.23 -1.60 -5.68
CA LEU A 275 -6.21 -2.95 -6.23
C LEU A 275 -6.50 -3.97 -5.16
N GLY A 276 -7.34 -4.94 -5.46
CA GLY A 276 -7.63 -5.93 -4.43
C GLY A 276 -8.67 -6.94 -4.84
N PHE A 277 -8.96 -7.80 -3.87
CA PHE A 277 -9.76 -9.01 -4.03
C PHE A 277 -10.96 -8.95 -3.11
N THR A 278 -11.99 -9.70 -3.46
CA THR A 278 -13.24 -9.68 -2.71
C THR A 278 -13.54 -11.07 -2.21
N LYS A 279 -13.90 -11.18 -0.94
CA LYS A 279 -14.27 -12.45 -0.35
C LYS A 279 -15.62 -12.35 0.32
N VAL A 280 -16.41 -13.41 0.29
CA VAL A 280 -17.63 -13.47 1.09
C VAL A 280 -17.28 -13.48 2.56
N LYS A 281 -18.00 -12.67 3.34
CA LYS A 281 -17.92 -12.72 4.79
C LYS A 281 -19.36 -12.46 5.26
N ALA A 282 -20.13 -13.54 5.40
CA ALA A 282 -21.59 -13.45 5.48
C ALA A 282 -22.02 -12.53 6.61
N PRO A 283 -23.05 -11.69 6.38
CA PRO A 283 -23.91 -11.61 5.18
C PRO A 283 -23.39 -10.69 4.07
N GLY A 284 -22.17 -10.19 4.21
CA GLY A 284 -21.63 -9.29 3.21
C GLY A 284 -20.33 -9.80 2.63
N PHE A 285 -19.38 -8.89 2.49
CA PHE A 285 -18.11 -9.14 1.81
C PHE A 285 -16.98 -8.51 2.59
N GLU A 286 -15.76 -8.83 2.18
CA GLU A 286 -14.55 -8.22 2.72
CA GLU A 286 -14.60 -8.10 2.69
C GLU A 286 -13.62 -7.89 1.55
N TRP A 287 -12.96 -6.76 1.62
CA TRP A 287 -11.92 -6.36 0.68
C TRP A 287 -10.56 -6.80 1.20
N ILE A 288 -9.80 -7.49 0.35
CA ILE A 288 -8.44 -7.89 0.67
CA ILE A 288 -8.43 -7.87 0.68
C ILE A 288 -7.53 -7.09 -0.26
N PRO A 289 -6.85 -6.04 0.25
CA PRO A 289 -6.02 -5.26 -0.67
C PRO A 289 -4.88 -6.12 -1.17
N GLU A 290 -4.49 -5.89 -2.42
CA GLU A 290 -3.31 -6.55 -2.95
C GLU A 290 -2.08 -6.09 -2.15
N SER A 291 -1.18 -7.03 -1.90
CA SER A 291 0.03 -6.74 -1.14
CA SER A 291 0.03 -6.82 -1.15
C SER A 291 1.21 -6.55 -2.10
N PHE A 292 2.03 -5.56 -1.77
CA PHE A 292 3.15 -5.14 -2.59
C PHE A 292 4.43 -5.04 -1.79
N MET A 293 5.56 -5.13 -2.50
CA MET A 293 6.88 -4.97 -1.90
C MET A 293 7.39 -3.54 -2.01
N ASN A 294 6.71 -2.70 -2.78
CA ASN A 294 7.15 -1.33 -3.01
C ASN A 294 5.99 -0.55 -3.61
N ASP B 1 12.21 -3.52 -12.96
CA ASP B 1 13.65 -3.83 -12.89
C ASP B 1 14.31 -3.08 -11.71
N ASP B 2 14.22 -1.75 -11.75
CA ASP B 2 14.61 -0.90 -10.64
C ASP B 2 13.51 -0.94 -9.56
N LEU B 3 13.80 -1.59 -8.43
CA LEU B 3 12.87 -1.85 -7.34
C LEU B 3 12.97 -0.79 -6.25
N SER B 4 13.67 0.30 -6.54
CA SER B 4 13.82 1.36 -5.56
C SER B 4 12.57 2.23 -5.42
N GLY B 5 12.45 2.91 -4.28
CA GLY B 5 11.29 3.75 -4.04
C GLY B 5 11.27 4.28 -2.64
N PHE B 6 10.45 5.29 -2.41
CA PHE B 6 10.30 5.86 -1.09
C PHE B 6 8.88 6.38 -0.88
N LYS B 7 8.54 6.60 0.39
CA LYS B 7 7.31 7.25 0.76
C LYS B 7 7.58 8.20 1.90
N LYS B 8 7.21 9.46 1.72
CA LYS B 8 7.42 10.46 2.74
C LYS B 8 6.19 10.59 3.63
N ILE B 9 6.38 10.59 4.94
CA ILE B 9 5.30 10.84 5.86
C ILE B 9 5.75 11.77 6.96
N LYS B 10 4.80 12.43 7.56
CA LYS B 10 5.07 13.40 8.62
C LYS B 10 4.82 12.75 9.97
N LEU B 11 5.71 12.98 10.93
CA LEU B 11 5.47 12.53 12.30
C LEU B 11 5.75 13.70 13.22
N GLY B 12 4.77 14.56 13.39
CA GLY B 12 4.93 15.77 14.19
C GLY B 12 6.06 16.66 13.70
N GLU B 13 7.07 16.87 14.55
CA GLU B 13 8.29 17.63 14.19
C GLU B 13 9.16 16.99 13.14
N LEU B 14 8.95 15.69 12.89
CA LEU B 14 9.87 14.90 12.09
C LEU B 14 9.38 14.65 10.67
N GLU B 15 10.31 14.53 9.74
CA GLU B 15 10.00 14.01 8.42
C GLU B 15 10.53 12.60 8.32
N LEU B 16 9.66 11.66 7.96
CA LEU B 16 10.05 10.27 7.81
C LEU B 16 10.02 9.89 6.34
N PHE B 17 10.99 9.08 5.92
CA PHE B 17 11.00 8.55 4.58
C PHE B 17 11.12 7.04 4.71
N ILE B 18 10.10 6.32 4.27
CA ILE B 18 10.21 4.87 4.19
C ILE B 18 10.91 4.56 2.87
N LEU B 19 11.97 3.76 2.95
CA LEU B 19 12.78 3.38 1.80
C LEU B 19 12.65 1.88 1.60
N THR B 20 12.80 1.40 0.37
CA THR B 20 12.90 -0.03 0.17
C THR B 20 14.30 -0.44 -0.31
N ASP B 21 14.77 -1.56 0.22
CA ASP B 21 15.97 -2.20 -0.31
C ASP B 21 15.66 -3.22 -1.38
N GLY B 22 14.38 -3.52 -1.62
CA GLY B 22 13.99 -4.63 -2.47
C GLY B 22 13.18 -5.64 -1.68
N TYR B 23 13.27 -6.91 -2.08
CA TYR B 23 12.48 -7.92 -1.39
C TYR B 23 13.18 -9.27 -1.46
N ILE B 24 12.76 -10.16 -0.56
CA ILE B 24 13.27 -11.52 -0.44
C ILE B 24 12.17 -12.48 -0.91
N HIS B 25 12.47 -13.28 -1.93
CA HIS B 25 11.54 -14.25 -2.49
C HIS B 25 11.81 -15.59 -1.84
N GLU B 26 11.07 -15.91 -0.78
CA GLU B 26 11.35 -17.10 0.00
C GLU B 26 10.55 -18.29 -0.50
N GLU B 27 11.25 -19.29 -1.01
CA GLU B 27 10.60 -20.45 -1.59
C GLU B 27 10.62 -21.67 -0.71
N ASN B 28 11.33 -21.59 0.41
CA ASN B 28 11.39 -22.75 1.28
C ASN B 28 10.37 -22.62 2.40
N LEU B 29 9.17 -23.09 2.15
CA LEU B 29 8.09 -22.86 3.10
C LEU B 29 7.98 -23.91 4.18
N ILE B 30 8.64 -25.05 4.01
CA ILE B 30 8.55 -26.10 5.04
C ILE B 30 9.10 -25.60 6.38
N SER B 31 10.06 -24.68 6.36
CA SER B 31 10.65 -24.17 7.59
C SER B 31 10.38 -22.69 7.85
N PHE B 32 9.55 -22.05 7.02
CA PHE B 32 9.25 -20.63 7.19
C PHE B 32 8.78 -20.34 8.62
N ALA B 33 7.81 -21.12 9.08
CA ALA B 33 7.26 -21.00 10.43
C ALA B 33 7.38 -22.39 11.05
N PRO B 34 8.55 -22.69 11.63
CA PRO B 34 9.00 -24.07 11.90
C PRO B 34 8.05 -24.88 12.80
N ARG B 35 7.34 -24.19 13.68
CA ARG B 35 6.45 -24.89 14.62
C ARG B 35 5.00 -24.85 14.17
N GLY B 36 4.77 -24.41 12.94
CA GLY B 36 3.41 -24.33 12.43
C GLY B 36 2.88 -25.53 11.67
N ASN B 37 1.70 -25.36 11.11
CA ASN B 37 0.98 -26.37 10.37
C ASN B 37 1.07 -25.97 8.89
N VAL B 38 1.77 -26.76 8.08
CA VAL B 38 2.03 -26.37 6.69
CA VAL B 38 2.05 -26.34 6.71
C VAL B 38 0.79 -26.31 5.81
N ALA B 39 -0.22 -27.11 6.12
CA ALA B 39 -1.48 -27.07 5.38
C ALA B 39 -2.19 -25.76 5.70
N GLU B 40 -2.26 -25.40 6.97
CA GLU B 40 -2.94 -24.16 7.35
CA GLU B 40 -2.91 -24.16 7.39
C GLU B 40 -2.17 -22.95 6.87
N LEU B 41 -0.83 -23.01 6.88
CA LEU B 41 -0.04 -21.93 6.33
C LEU B 41 -0.47 -21.62 4.88
N LYS B 42 -0.53 -22.67 4.04
CA LYS B 42 -0.88 -22.44 2.64
C LYS B 42 -2.35 -22.03 2.49
N THR B 43 -3.25 -22.56 3.33
CA THR B 43 -4.63 -22.10 3.31
C THR B 43 -4.72 -20.61 3.59
N ILE B 44 -4.00 -20.13 4.60
CA ILE B 44 -4.03 -18.72 4.93
C ILE B 44 -3.54 -17.88 3.74
N LEU B 45 -2.46 -18.30 3.11
CA LEU B 45 -1.95 -17.55 1.95
C LEU B 45 -3.02 -17.46 0.87
N LYS B 46 -3.63 -18.58 0.54
CA LYS B 46 -4.65 -18.58 -0.49
C LYS B 46 -5.91 -17.81 -0.08
N ASP B 47 -6.28 -17.86 1.19
CA ASP B 47 -7.42 -17.08 1.67
C ASP B 47 -7.20 -15.59 1.54
N ASN B 48 -5.93 -15.19 1.43
CA ASN B 48 -5.56 -13.81 1.19
C ASN B 48 -5.14 -13.53 -0.25
N PHE B 49 -5.46 -14.46 -1.15
CA PHE B 49 -5.25 -14.29 -2.60
C PHE B 49 -3.78 -14.14 -2.96
N ARG B 50 -2.91 -14.74 -2.15
CA ARG B 50 -1.50 -14.76 -2.40
C ARG B 50 -1.05 -16.11 -2.92
N ALA B 51 0.11 -16.14 -3.55
CA ALA B 51 0.77 -17.39 -3.91
C ALA B 51 0.94 -18.29 -2.68
N ASP B 52 0.85 -19.60 -2.88
CA ASP B 52 1.06 -20.49 -1.74
C ASP B 52 2.37 -21.25 -1.83
N HIS B 53 3.22 -20.92 -2.81
CA HIS B 53 4.46 -21.66 -2.97
C HIS B 53 5.69 -20.79 -2.73
N TYR B 54 5.48 -19.55 -2.33
CA TYR B 54 6.55 -18.69 -1.86
C TYR B 54 5.93 -17.63 -0.97
N ILE B 55 6.77 -16.93 -0.22
CA ILE B 55 6.38 -15.73 0.51
C ILE B 55 7.39 -14.64 0.16
N ASP B 56 6.91 -13.52 -0.35
CA ASP B 56 7.75 -12.36 -0.56
C ASP B 56 7.81 -11.52 0.70
N MET B 57 9.01 -11.28 1.20
CA MET B 57 9.24 -10.43 2.35
C MET B 57 9.83 -9.12 1.88
N ALA B 58 9.21 -8.02 2.27
CA ALA B 58 9.72 -6.71 1.94
C ALA B 58 11.03 -6.47 2.67
N ILE B 59 11.77 -5.43 2.28
CA ILE B 59 12.82 -4.88 3.13
C ILE B 59 12.59 -3.37 3.21
N ASN B 60 11.84 -2.97 4.23
CA ASN B 60 11.47 -1.59 4.47
C ASN B 60 12.45 -1.00 5.47
N ILE B 61 12.94 0.19 5.18
CA ILE B 61 13.96 0.87 5.97
C ILE B 61 13.45 2.28 6.30
N LEU B 62 13.68 2.76 7.51
CA LEU B 62 13.19 4.06 7.93
C LEU B 62 14.31 5.08 7.97
N LEU B 63 14.07 6.21 7.32
CA LEU B 63 14.94 7.38 7.36
C LEU B 63 14.23 8.49 8.13
N VAL B 64 14.87 9.02 9.15
CA VAL B 64 14.25 10.04 10.00
C VAL B 64 15.08 11.31 9.94
N LYS B 65 14.44 12.37 9.48
CA LYS B 65 15.07 13.67 9.41
C LYS B 65 14.56 14.49 10.59
N THR B 66 15.45 14.75 11.57
CA THR B 66 15.15 15.55 12.73
C THR B 66 15.72 16.93 12.44
N LYS B 67 15.66 17.80 13.43
CA LYS B 67 16.10 19.16 13.21
C LYS B 67 17.59 19.27 12.87
N GLU B 68 18.43 18.39 13.42
CA GLU B 68 19.85 18.45 13.13
C GLU B 68 20.49 17.13 12.67
N LYS B 69 19.70 16.06 12.61
CA LYS B 69 20.21 14.72 12.30
C LYS B 69 19.49 14.12 11.09
N LEU B 70 20.12 13.13 10.48
CA LEU B 70 19.49 12.31 9.46
C LEU B 70 19.85 10.87 9.76
N ILE B 71 18.88 10.14 10.25
CA ILE B 71 19.05 8.81 10.81
C ILE B 71 18.50 7.73 9.95
N LEU B 72 19.32 6.74 9.66
CA LEU B 72 18.91 5.58 8.94
C LEU B 72 18.74 4.41 9.89
N MET B 73 17.57 3.78 9.87
CA MET B 73 17.32 2.59 10.71
C MET B 73 17.43 1.37 9.82
N ASP B 74 18.55 0.69 9.97
CA ASP B 74 19.00 -0.48 9.17
C ASP B 74 19.35 -0.11 7.74
N THR B 75 19.97 -1.04 7.02
CA THR B 75 20.69 -0.69 5.81
C THR B 75 20.51 -1.71 4.69
N GLY B 76 19.61 -2.68 4.87
CA GLY B 76 19.35 -3.64 3.81
C GLY B 76 20.46 -4.65 3.60
N MET B 77 20.40 -5.34 2.46
CA MET B 77 21.30 -6.46 2.17
CA MET B 77 21.30 -6.46 2.26
C MET B 77 22.72 -6.08 1.83
N GLY B 78 22.91 -4.90 1.20
CA GLY B 78 24.25 -4.44 0.84
C GLY B 78 25.12 -5.52 0.18
N ILE B 79 26.23 -5.89 0.80
CA ILE B 79 27.13 -6.85 0.17
C ILE B 79 26.49 -8.22 -0.04
N PHE B 80 25.41 -8.54 0.66
CA PHE B 80 24.72 -9.81 0.52
C PHE B 80 23.63 -9.79 -0.54
N ALA B 81 23.42 -8.64 -1.18
CA ALA B 81 22.29 -8.47 -2.10
C ALA B 81 22.32 -9.42 -3.28
N ASP B 82 21.14 -9.83 -3.69
CA ASP B 82 20.93 -10.46 -4.98
C ASP B 82 20.22 -9.48 -5.91
N GLU B 83 19.74 -9.94 -7.05
CA GLU B 83 19.22 -8.99 -8.03
C GLU B 83 17.93 -8.32 -7.56
N ARG B 84 17.28 -8.84 -6.51
CA ARG B 84 16.06 -8.25 -5.99
C ARG B 84 16.28 -7.37 -4.77
N THR B 85 17.52 -7.24 -4.32
CA THR B 85 17.84 -6.44 -3.16
C THR B 85 19.05 -5.51 -3.41
N GLY B 86 19.47 -4.78 -2.38
CA GLY B 86 20.52 -3.79 -2.54
C GLY B 86 20.06 -2.48 -3.17
N PHE B 87 18.76 -2.18 -3.16
CA PHE B 87 18.26 -0.94 -3.73
C PHE B 87 18.26 0.27 -2.79
N LEU B 88 18.74 0.10 -1.57
CA LEU B 88 18.70 1.19 -0.58
CA LEU B 88 18.72 1.19 -0.58
C LEU B 88 19.25 2.51 -1.11
N LEU B 89 20.44 2.52 -1.73
CA LEU B 89 21.05 3.77 -2.17
CA LEU B 89 21.01 3.80 -2.12
C LEU B 89 20.22 4.45 -3.26
N LYS B 90 19.63 3.65 -4.15
CA LYS B 90 18.77 4.21 -5.17
C LYS B 90 17.50 4.81 -4.54
N SER B 91 16.96 4.13 -3.52
CA SER B 91 15.78 4.65 -2.83
C SER B 91 16.12 5.95 -2.10
N LEU B 92 17.28 6.00 -1.44
CA LEU B 92 17.75 7.18 -0.73
C LEU B 92 17.91 8.36 -1.70
N GLN B 93 18.47 8.08 -2.88
CA GLN B 93 18.60 9.09 -3.92
C GLN B 93 17.25 9.65 -4.35
N LYS B 94 16.26 8.77 -4.56
CA LYS B 94 14.92 9.20 -4.96
C LYS B 94 14.34 10.10 -3.88
N ALA B 95 14.65 9.80 -2.62
CA ALA B 95 14.13 10.56 -1.49
C ALA B 95 14.82 11.93 -1.34
N GLY B 96 15.94 12.13 -2.05
CA GLY B 96 16.60 13.42 -2.08
C GLY B 96 17.91 13.50 -1.32
N PHE B 97 18.53 12.35 -1.01
CA PHE B 97 19.72 12.30 -0.16
C PHE B 97 20.82 11.46 -0.74
N SER B 98 22.04 11.69 -0.27
CA SER B 98 23.15 10.81 -0.62
C SER B 98 23.75 10.23 0.63
N ALA B 99 24.62 9.26 0.47
CA ALA B 99 25.18 8.56 1.60
C ALA B 99 25.86 9.51 2.59
N HIS B 100 26.53 10.55 2.10
CA HIS B 100 27.27 11.45 3.00
CA HIS B 100 27.28 11.42 3.00
C HIS B 100 26.34 12.28 3.87
N ASP B 101 25.04 12.35 3.53
CA ASP B 101 24.09 13.09 4.36
C ASP B 101 23.73 12.37 5.66
N ILE B 102 23.89 11.06 5.70
CA ILE B 102 23.48 10.28 6.87
C ILE B 102 24.40 10.59 8.06
N THR B 103 23.80 11.00 9.18
CA THR B 103 24.59 11.30 10.37
C THR B 103 24.68 10.14 11.34
N ASP B 104 23.69 9.26 11.33
CA ASP B 104 23.60 8.15 12.28
C ASP B 104 22.88 7.00 11.64
N ILE B 105 23.36 5.79 11.90
CA ILE B 105 22.70 4.55 11.54
C ILE B 105 22.36 3.80 12.83
N PHE B 106 21.10 3.40 12.98
CA PHE B 106 20.67 2.57 14.08
C PHE B 106 20.46 1.16 13.55
N LEU B 107 21.29 0.22 13.96
CA LEU B 107 21.10 -1.19 13.59
C LEU B 107 20.16 -1.86 14.57
N SER B 108 19.09 -2.47 14.09
CA SER B 108 18.22 -3.21 15.01
C SER B 108 18.87 -4.53 15.43
N HIS B 109 19.66 -5.12 14.53
CA HIS B 109 20.36 -6.37 14.76
C HIS B 109 21.32 -6.55 13.61
N ALA B 110 22.21 -7.56 13.73
CA ALA B 110 23.30 -7.70 12.77
C ALA B 110 23.07 -8.79 11.73
N HIS B 111 21.82 -9.10 11.40
CA HIS B 111 21.58 -10.04 10.31
C HIS B 111 21.96 -9.41 8.94
N PRO B 112 22.25 -10.26 7.94
CA PRO B 112 22.71 -9.80 6.64
C PRO B 112 21.81 -8.75 6.00
N ASP B 113 20.48 -8.91 6.16
CA ASP B 113 19.53 -8.02 5.53
C ASP B 113 19.28 -6.72 6.27
N HIS B 114 20.06 -6.48 7.32
CA HIS B 114 20.01 -5.24 8.09
C HIS B 114 21.34 -4.54 8.18
N ILE B 115 22.43 -5.29 8.28
CA ILE B 115 23.76 -4.70 8.42
C ILE B 115 24.55 -4.73 7.09
N GLY B 116 24.05 -5.43 6.07
CA GLY B 116 24.83 -5.64 4.85
C GLY B 116 25.22 -4.36 4.12
N GLY B 117 24.38 -3.32 4.25
CA GLY B 117 24.59 -2.06 3.56
C GLY B 117 25.59 -1.08 4.17
N VAL B 118 26.20 -1.42 5.31
CA VAL B 118 27.12 -0.45 5.94
C VAL B 118 28.51 -0.42 5.27
N VAL B 119 28.87 -1.45 4.51
CA VAL B 119 30.14 -1.50 3.81
C VAL B 119 29.94 -1.95 2.39
N ASP B 120 30.95 -1.74 1.55
CA ASP B 120 30.96 -2.26 0.20
C ASP B 120 31.75 -3.58 0.16
N LYS B 121 31.96 -4.13 -1.03
CA LYS B 121 32.61 -5.42 -1.13
C LYS B 121 34.12 -5.38 -0.95
N GLN B 122 34.65 -4.22 -0.61
CA GLN B 122 36.01 -4.16 -0.15
C GLN B 122 36.10 -3.72 1.32
N ASN B 123 34.98 -3.87 2.03
CA ASN B 123 34.89 -3.60 3.44
C ASN B 123 35.11 -2.13 3.80
N LYS B 124 34.84 -1.26 2.82
CA LYS B 124 34.90 0.18 3.04
C LYS B 124 33.55 0.74 3.45
N LEU B 125 33.56 1.69 4.38
CA LEU B 125 32.32 2.30 4.85
C LEU B 125 31.56 3.04 3.77
N VAL B 126 30.26 2.76 3.67
CA VAL B 126 29.42 3.41 2.67
C VAL B 126 28.97 4.80 3.11
N PHE B 127 28.78 5.00 4.41
CA PHE B 127 28.23 6.25 4.94
C PHE B 127 29.32 6.96 5.72
N PRO B 128 30.09 7.83 5.05
N PRO B 128 30.06 7.89 5.04
CA PRO B 128 31.33 8.30 5.70
CA PRO B 128 31.32 8.40 5.61
C PRO B 128 31.14 9.10 6.97
C PRO B 128 31.19 9.22 6.88
N ASN B 129 30.01 9.79 7.09
CA ASN B 129 29.80 10.68 8.21
C ASN B 129 28.91 10.12 9.29
N ALA B 130 28.57 8.84 9.20
CA ALA B 130 27.59 8.25 10.12
C ALA B 130 28.21 7.48 11.28
N SER B 131 27.82 7.83 12.50
CA SER B 131 27.96 6.92 13.63
C SER B 131 27.06 5.70 13.41
N ILE B 132 27.46 4.54 13.91
CA ILE B 132 26.69 3.31 13.75
C ILE B 132 26.40 2.74 15.13
N PHE B 133 25.11 2.62 15.48
CA PHE B 133 24.67 2.15 16.79
C PHE B 133 24.23 0.71 16.70
N ILE B 134 24.50 -0.05 17.74
CA ILE B 134 24.08 -1.43 17.87
C ILE B 134 23.93 -1.71 19.37
N SER B 135 23.14 -2.70 19.76
CA SER B 135 23.14 -3.02 21.17
C SER B 135 24.45 -3.73 21.55
N LYS B 136 24.90 -3.53 22.78
CA LYS B 136 26.11 -4.22 23.24
C LYS B 136 25.92 -5.75 23.18
N ILE B 137 24.75 -6.23 23.58
CA ILE B 137 24.49 -7.67 23.59
C ILE B 137 24.54 -8.23 22.15
N GLU B 138 23.98 -7.50 21.20
CA GLU B 138 24.01 -7.95 19.82
C GLU B 138 25.45 -8.07 19.32
N HIS B 139 26.23 -7.05 19.60
CA HIS B 139 27.64 -7.06 19.24
C HIS B 139 28.38 -8.20 19.92
N ASP B 140 28.21 -8.36 21.23
CA ASP B 140 28.88 -9.43 21.98
C ASP B 140 28.55 -10.80 21.40
N PHE B 141 27.30 -10.99 21.00
CA PHE B 141 26.91 -12.28 20.45
C PHE B 141 27.65 -12.57 19.15
N TRP B 142 27.58 -11.66 18.18
CA TRP B 142 28.08 -12.02 16.87
C TRP B 142 29.59 -12.10 16.83
N ILE B 143 30.28 -11.33 17.67
CA ILE B 143 31.74 -11.38 17.55
C ILE B 143 32.31 -12.73 18.01
N ASN B 144 31.53 -13.48 18.79
CA ASN B 144 31.96 -14.78 19.24
C ASN B 144 31.05 -15.94 18.81
N ALA B 145 30.11 -15.67 17.92
CA ALA B 145 29.12 -16.66 17.50
C ALA B 145 29.74 -17.86 16.83
N SER B 146 29.11 -19.01 17.01
CA SER B 146 29.48 -20.22 16.26
C SER B 146 28.25 -21.09 16.06
N ILE B 147 28.40 -22.19 15.32
CA ILE B 147 27.32 -23.15 15.04
CA ILE B 147 27.22 -23.00 15.01
C ILE B 147 26.56 -23.55 16.28
N LYS B 148 27.29 -23.75 17.37
CA LYS B 148 26.60 -24.29 18.55
C LYS B 148 25.63 -23.30 19.20
N ASP B 149 25.65 -22.04 18.78
CA ASP B 149 24.68 -21.04 19.22
C ASP B 149 23.33 -21.17 18.53
N PHE B 150 23.22 -22.05 17.52
CA PHE B 150 22.01 -22.14 16.71
C PHE B 150 21.23 -23.41 16.94
N ASN B 151 21.48 -24.08 18.04
CA ASN B 151 20.80 -25.34 18.25
C ASN B 151 19.33 -25.20 18.62
N ASN B 152 18.90 -23.99 19.00
CA ASN B 152 17.48 -23.71 19.20
C ASN B 152 16.87 -22.90 18.03
N SER B 153 17.47 -23.04 16.85
CA SER B 153 17.08 -22.34 15.63
C SER B 153 16.81 -23.33 14.50
N ALA B 154 15.90 -22.98 13.58
CA ALA B 154 15.78 -23.75 12.35
C ALA B 154 17.06 -23.73 11.52
N LEU B 155 17.87 -22.70 11.75
CA LEU B 155 19.13 -22.56 11.02
C LEU B 155 20.13 -23.66 11.30
N LYS B 156 19.91 -24.45 12.37
CA LYS B 156 20.82 -25.56 12.66
C LYS B 156 20.88 -26.55 11.51
N ALA B 157 19.87 -26.55 10.63
CA ALA B 157 19.85 -27.41 9.46
C ALA B 157 20.83 -26.98 8.37
N HIS B 158 21.45 -25.83 8.55
CA HIS B 158 22.27 -25.23 7.51
C HIS B 158 23.66 -24.87 8.04
N PRO B 159 24.41 -25.87 8.52
CA PRO B 159 25.69 -25.51 9.14
C PRO B 159 26.65 -24.90 8.14
N GLU B 160 26.64 -25.35 6.89
CA GLU B 160 27.54 -24.77 5.90
C GLU B 160 27.21 -23.29 5.70
N ARG B 161 25.93 -22.97 5.62
CA ARG B 161 25.50 -21.58 5.51
C ARG B 161 25.98 -20.77 6.70
N LEU B 162 25.78 -21.31 7.90
CA LEU B 162 26.16 -20.60 9.09
C LEU B 162 27.64 -20.34 9.10
N ASN B 163 28.42 -21.33 8.70
CA ASN B 163 29.88 -21.19 8.70
C ASN B 163 30.37 -20.19 7.67
N GLN B 164 29.53 -19.85 6.69
CA GLN B 164 29.80 -18.78 5.72
C GLN B 164 29.41 -17.42 6.27
N ILE B 165 28.20 -17.37 6.79
CA ILE B 165 27.61 -16.09 7.15
C ILE B 165 28.24 -15.49 8.42
N ILE B 166 28.55 -16.34 9.40
CA ILE B 166 29.07 -15.81 10.64
C ILE B 166 30.38 -15.03 10.44
N PRO B 167 31.39 -15.60 9.72
CA PRO B 167 32.60 -14.80 9.51
C PRO B 167 32.33 -13.54 8.68
N ALA B 168 31.40 -13.61 7.73
CA ALA B 168 31.07 -12.44 6.91
C ALA B 168 30.55 -11.32 7.81
N LEU B 169 29.66 -11.66 8.76
CA LEU B 169 29.12 -10.66 9.67
C LEU B 169 30.22 -10.16 10.61
N GLN B 170 31.08 -11.06 11.09
CA GLN B 170 32.20 -10.65 11.91
C GLN B 170 33.13 -9.69 11.19
N ASN B 171 33.35 -9.89 9.90
CA ASN B 171 34.18 -8.99 9.11
CA ASN B 171 34.20 -8.97 9.15
C ASN B 171 33.57 -7.59 9.03
N ILE B 172 32.26 -7.54 8.82
CA ILE B 172 31.58 -6.26 8.80
C ILE B 172 31.72 -5.56 10.17
N LEU B 173 31.50 -6.30 11.26
CA LEU B 173 31.63 -5.69 12.57
C LEU B 173 33.03 -5.15 12.82
N LYS B 174 34.03 -5.83 12.29
CA LYS B 174 35.39 -5.30 12.40
C LYS B 174 35.53 -4.00 11.60
N ALA B 175 34.95 -3.95 10.41
CA ALA B 175 35.12 -2.77 9.56
C ALA B 175 34.45 -1.54 10.15
N ILE B 176 33.36 -1.72 10.88
CA ILE B 176 32.63 -0.55 11.34
C ILE B 176 33.05 -0.13 12.75
N GLN B 177 34.01 -0.86 13.31
CA GLN B 177 34.45 -0.59 14.66
C GLN B 177 34.78 0.92 14.90
N PRO B 178 35.42 1.63 13.93
CA PRO B 178 35.70 3.04 14.25
C PRO B 178 34.47 3.96 14.37
N LYS B 179 33.31 3.53 13.91
CA LYS B 179 32.08 4.31 13.97
C LYS B 179 31.13 3.82 15.05
N LEU B 180 31.47 2.73 15.72
CA LEU B 180 30.49 1.99 16.51
C LEU B 180 30.20 2.62 17.88
N LYS B 181 28.91 2.69 18.19
CA LYS B 181 28.41 3.10 19.50
CA LYS B 181 28.42 3.09 19.51
C LYS B 181 27.37 2.09 19.98
N PHE B 182 27.28 1.90 21.29
CA PHE B 182 26.26 1.00 21.84
C PHE B 182 25.08 1.77 22.40
N TYR B 183 23.85 1.32 22.11
CA TYR B 183 22.66 1.99 22.66
C TYR B 183 22.72 2.08 24.17
N ASP B 184 22.30 3.24 24.69
CA ASP B 184 21.93 3.36 26.09
C ASP B 184 20.43 3.05 26.17
N LEU B 185 20.10 1.94 26.82
CA LEU B 185 18.73 1.46 26.86
C LEU B 185 17.83 2.23 27.84
N ASN B 186 18.41 3.21 28.55
CA ASN B 186 17.71 3.92 29.60
C ASN B 186 17.71 5.42 29.44
N LYS B 187 18.11 5.92 28.28
CA LYS B 187 18.07 7.36 28.02
C LYS B 187 17.48 7.64 26.65
N THR B 188 16.79 8.76 26.53
CA THR B 188 16.33 9.25 25.24
C THR B 188 17.51 9.81 24.47
N LEU B 189 17.61 9.45 23.19
CA LEU B 189 18.66 9.93 22.32
C LEU B 189 18.09 10.96 21.34
N TYR B 190 18.75 12.12 21.25
CA TYR B 190 18.41 13.18 20.28
C TYR B 190 16.95 13.61 20.38
N SER B 191 16.44 13.62 21.61
CA SER B 191 15.07 13.97 21.99
C SER B 191 13.96 13.05 21.48
N HIS B 192 14.22 12.21 20.48
CA HIS B 192 13.13 11.49 19.84
C HIS B 192 13.18 9.97 19.98
N PHE B 193 14.32 9.41 20.38
CA PHE B 193 14.51 7.97 20.22
C PHE B 193 14.72 7.28 21.56
N ASN B 194 14.01 6.18 21.75
CA ASN B 194 14.18 5.31 22.91
C ASN B 194 14.33 3.88 22.43
N PHE B 195 15.20 3.14 23.11
CA PHE B 195 15.60 1.80 22.69
C PHE B 195 15.30 0.78 23.76
N GLN B 196 14.86 -0.40 23.34
CA GLN B 196 14.68 -1.49 24.29
C GLN B 196 14.95 -2.81 23.57
N LEU B 197 15.39 -3.80 24.32
CA LEU B 197 15.67 -5.09 23.76
C LEU B 197 14.43 -5.95 23.61
N ALA B 198 14.42 -6.75 22.55
CA ALA B 198 13.37 -7.76 22.31
C ALA B 198 14.09 -9.03 21.88
N PRO B 199 14.75 -9.71 22.84
CA PRO B 199 15.64 -10.82 22.48
C PRO B 199 14.93 -12.02 21.89
N GLY B 200 15.67 -12.82 21.15
CA GLY B 200 15.18 -14.09 20.64
C GLY B 200 15.46 -14.25 19.16
N HIS B 201 14.95 -13.34 18.34
CA HIS B 201 15.29 -13.37 16.92
C HIS B 201 16.82 -13.32 16.78
N THR B 202 17.43 -12.40 17.50
CA THR B 202 18.85 -12.41 17.83
C THR B 202 18.92 -11.98 19.31
N PRO B 203 20.06 -12.19 19.97
CA PRO B 203 20.09 -11.93 21.41
C PRO B 203 19.92 -10.45 21.77
N GLY B 204 20.33 -9.56 20.87
CA GLY B 204 20.29 -8.13 21.12
C GLY B 204 19.40 -7.36 20.16
N LEU B 205 18.40 -7.99 19.56
CA LEU B 205 17.45 -7.29 18.71
C LEU B 205 16.87 -6.10 19.50
N THR B 206 16.95 -4.92 18.90
CA THR B 206 16.55 -3.66 19.52
C THR B 206 15.35 -3.05 18.80
N VAL B 207 14.34 -2.67 19.59
CA VAL B 207 13.14 -2.01 19.14
C VAL B 207 13.26 -0.54 19.46
N THR B 208 12.99 0.31 18.47
CA THR B 208 13.15 1.75 18.63
C THR B 208 11.80 2.47 18.61
N THR B 209 11.54 3.28 19.62
CA THR B 209 10.38 4.15 19.62
C THR B 209 10.80 5.54 19.20
N ILE B 210 10.03 6.10 18.28
CA ILE B 210 10.23 7.44 17.75
C ILE B 210 9.07 8.32 18.25
N SER B 211 9.39 9.39 18.96
CA SER B 211 8.37 10.23 19.57
C SER B 211 8.43 11.66 19.11
N SER B 212 7.27 12.24 18.78
CA SER B 212 7.14 13.69 18.61
C SER B 212 5.77 14.13 19.06
N GLY B 213 5.69 14.84 20.18
CA GLY B 213 4.39 15.27 20.68
C GLY B 213 3.58 14.03 21.04
N ASN B 214 2.31 14.03 20.66
CA ASN B 214 1.48 12.86 20.92
C ASN B 214 1.57 11.80 19.84
N GLU B 215 2.57 11.91 18.97
CA GLU B 215 2.75 10.92 17.94
C GLU B 215 3.92 10.04 18.31
N LYS B 216 3.71 8.73 18.26
CA LYS B 216 4.76 7.75 18.50
C LYS B 216 4.71 6.69 17.44
N LEU B 217 5.87 6.25 16.98
CA LEU B 217 5.96 5.13 16.05
C LEU B 217 6.96 4.14 16.62
N MET B 218 6.65 2.86 16.60
CA MET B 218 7.57 1.85 17.10
CA MET B 218 7.57 1.84 17.10
C MET B 218 8.14 1.03 15.94
N TYR B 219 9.45 1.12 15.76
CA TYR B 219 10.13 0.28 14.77
C TYR B 219 10.44 -1.06 15.45
N VAL B 220 9.68 -2.09 15.09
CA VAL B 220 9.82 -3.41 15.71
C VAL B 220 10.67 -4.36 14.88
N ALA B 221 11.20 -3.88 13.75
CA ALA B 221 12.19 -4.59 12.97
C ALA B 221 11.70 -6.01 12.68
N ASP B 222 12.39 -7.03 13.21
CA ASP B 222 12.19 -8.44 12.89
C ASP B 222 11.45 -9.22 13.97
N LEU B 223 10.61 -8.54 14.71
CA LEU B 223 9.76 -9.18 15.69
C LEU B 223 8.84 -10.19 15.04
N ILE B 224 8.40 -9.87 13.83
CA ILE B 224 7.40 -10.65 13.14
C ILE B 224 7.61 -10.56 11.61
N HIS B 225 7.46 -11.67 10.90
CA HIS B 225 7.87 -11.75 9.51
C HIS B 225 6.72 -11.97 8.53
N SER B 226 5.51 -12.17 9.04
CA SER B 226 4.35 -12.36 8.17
C SER B 226 3.14 -11.74 8.81
N ASP B 227 2.44 -10.89 8.05
CA ASP B 227 1.20 -10.29 8.52
C ASP B 227 0.11 -11.33 8.70
N VAL B 228 -0.08 -12.19 7.71
CA VAL B 228 -1.22 -13.09 7.75
C VAL B 228 -0.97 -14.41 8.50
N ILE B 229 0.29 -14.80 8.67
CA ILE B 229 0.62 -16.05 9.36
CA ILE B 229 0.54 -16.06 9.37
C ILE B 229 0.93 -15.86 10.85
N LEU B 230 1.85 -14.93 11.13
CA LEU B 230 2.44 -14.90 12.46
C LEU B 230 1.74 -13.97 13.45
N PHE B 231 0.82 -13.12 12.98
CA PHE B 231 -0.07 -12.42 13.89
C PHE B 231 -1.09 -13.38 14.53
N PRO B 232 -1.81 -14.22 13.75
CA PRO B 232 -2.72 -15.18 14.42
C PRO B 232 -1.97 -16.27 15.15
N HIS B 233 -0.76 -16.62 14.67
CA HIS B 233 -0.01 -17.76 15.18
C HIS B 233 1.40 -17.40 15.58
N PRO B 234 1.57 -16.53 16.59
CA PRO B 234 2.92 -16.09 16.89
C PRO B 234 3.84 -17.23 17.40
N ASP B 235 3.27 -18.28 17.96
CA ASP B 235 4.13 -19.38 18.43
C ASP B 235 4.61 -20.29 17.30
N TRP B 236 4.22 -20.03 16.05
CA TRP B 236 4.74 -20.85 14.98
C TRP B 236 6.22 -20.59 14.65
N GLY B 237 6.71 -19.43 15.07
CA GLY B 237 8.11 -19.09 14.91
C GLY B 237 8.48 -18.66 13.50
N PHE B 238 9.77 -18.32 13.33
CA PHE B 238 10.32 -17.95 12.04
C PHE B 238 11.66 -18.62 11.82
N SER B 239 11.90 -19.03 10.59
CA SER B 239 13.11 -19.76 10.19
C SER B 239 14.41 -19.12 10.66
N GLY B 240 14.46 -17.78 10.64
CA GLY B 240 15.67 -17.05 10.96
C GLY B 240 15.87 -16.74 12.44
N ASP B 241 14.90 -17.06 13.31
CA ASP B 241 15.06 -16.78 14.72
C ASP B 241 16.23 -17.58 15.28
N THR B 242 17.10 -16.91 16.05
CA THR B 242 18.23 -17.58 16.68
C THR B 242 17.80 -18.55 17.78
N ASP B 243 16.78 -18.16 18.55
CA ASP B 243 16.23 -18.97 19.62
C ASP B 243 14.71 -18.91 19.51
N LEU B 244 14.09 -19.99 19.04
CA LEU B 244 12.65 -19.98 18.73
C LEU B 244 11.79 -19.66 19.94
N ASP B 245 12.11 -20.27 21.07
CA ASP B 245 11.31 -20.06 22.25
C ASP B 245 11.40 -18.63 22.79
N ILE B 246 12.61 -18.10 22.83
CA ILE B 246 12.79 -16.75 23.32
C ILE B 246 12.16 -15.74 22.32
N ALA B 247 12.33 -15.97 21.03
CA ALA B 247 11.70 -15.11 20.03
C ALA B 247 10.20 -15.11 20.13
N THR B 248 9.60 -16.27 20.43
CA THR B 248 8.15 -16.31 20.61
C THR B 248 7.70 -15.46 21.81
N ALA B 249 8.47 -15.54 22.90
CA ALA B 249 8.14 -14.75 24.08
C ALA B 249 8.19 -13.25 23.77
N SER B 250 9.24 -12.80 23.07
CA SER B 250 9.30 -11.39 22.71
C SER B 250 8.18 -10.99 21.76
N ARG B 251 7.90 -11.85 20.79
CA ARG B 251 6.85 -11.56 19.82
C ARG B 251 5.50 -11.37 20.54
N LYS B 252 5.19 -12.27 21.47
CA LYS B 252 3.93 -12.17 22.18
C LYS B 252 3.89 -10.94 23.08
N LYS B 253 5.02 -10.59 23.72
CA LYS B 253 5.09 -9.42 24.57
CA LYS B 253 5.06 -9.42 24.58
C LYS B 253 4.76 -8.15 23.78
N PHE B 254 5.43 -7.98 22.65
CA PHE B 254 5.26 -6.74 21.92
C PHE B 254 3.96 -6.69 21.16
N LEU B 255 3.47 -7.82 20.63
CA LEU B 255 2.14 -7.80 20.04
C LEU B 255 1.10 -7.41 21.07
N LYS B 256 1.19 -7.95 22.28
CA LYS B 256 0.22 -7.58 23.31
C LYS B 256 0.31 -6.11 23.63
N GLN B 257 1.52 -5.59 23.73
CA GLN B 257 1.69 -4.18 24.03
C GLN B 257 1.13 -3.29 22.92
N LEU B 258 1.45 -3.60 21.67
CA LEU B 258 0.92 -2.83 20.54
C LEU B 258 -0.60 -2.87 20.53
N ALA B 259 -1.18 -4.02 20.83
CA ALA B 259 -2.64 -4.12 20.87
C ALA B 259 -3.23 -3.31 22.03
N ASP B 260 -2.64 -3.42 23.21
CA ASP B 260 -3.18 -2.74 24.37
C ASP B 260 -3.12 -1.23 24.22
N THR B 261 -2.06 -0.74 23.57
CA THR B 261 -1.81 0.68 23.49
C THR B 261 -2.33 1.31 22.19
N LYS B 262 -2.73 0.46 21.26
CA LYS B 262 -3.23 0.89 19.93
C LYS B 262 -2.15 1.67 19.15
N ALA B 263 -0.89 1.34 19.44
CA ALA B 263 0.23 2.05 18.84
C ALA B 263 0.53 1.60 17.43
N ARG B 264 0.98 2.54 16.60
CA ARG B 264 1.41 2.21 15.25
C ARG B 264 2.83 1.65 15.26
N ALA B 265 3.06 0.63 14.42
CA ALA B 265 4.36 0.03 14.27
C ALA B 265 4.84 0.18 12.83
N PHE B 266 6.16 0.18 12.69
CA PHE B 266 6.87 0.06 11.42
C PHE B 266 7.67 -1.25 11.46
N THR B 267 7.59 -2.00 10.36
CA THR B 267 8.16 -3.33 10.32
C THR B 267 9.10 -3.46 9.11
N SER B 268 10.14 -4.26 9.27
CA SER B 268 11.09 -4.46 8.20
C SER B 268 10.52 -5.27 7.04
N HIS B 269 9.67 -6.27 7.33
CA HIS B 269 9.43 -7.29 6.33
C HIS B 269 7.97 -7.50 5.95
N LEU B 270 7.05 -6.80 6.61
CA LEU B 270 5.64 -6.88 6.19
C LEU B 270 5.42 -6.06 4.90
N PRO B 271 4.30 -6.28 4.20
CA PRO B 271 4.13 -5.61 2.90
C PRO B 271 4.23 -4.09 3.01
N TRP B 272 4.72 -3.50 1.92
CA TRP B 272 4.97 -2.06 1.79
C TRP B 272 3.73 -1.22 2.12
N PRO B 273 3.87 -0.12 2.85
CA PRO B 273 5.10 0.45 3.39
C PRO B 273 5.43 0.01 4.83
N GLY B 274 4.86 -1.10 5.30
CA GLY B 274 5.29 -1.73 6.53
C GLY B 274 4.70 -1.12 7.78
N LEU B 275 3.72 -0.23 7.61
CA LEU B 275 3.11 0.54 8.71
C LEU B 275 1.72 0.00 9.09
N GLY B 276 1.44 -0.13 10.37
CA GLY B 276 0.14 -0.65 10.73
C GLY B 276 -0.06 -0.84 12.21
N PHE B 277 -1.22 -1.39 12.51
CA PHE B 277 -1.75 -1.49 13.85
C PHE B 277 -2.01 -2.94 14.19
N THR B 278 -2.07 -3.23 15.47
CA THR B 278 -2.22 -4.57 15.99
C THR B 278 -3.45 -4.67 16.85
N LYS B 279 -4.27 -5.68 16.61
CA LYS B 279 -5.49 -5.88 17.38
C LYS B 279 -5.53 -7.33 17.85
N VAL B 280 -6.09 -7.56 19.03
CA VAL B 280 -6.38 -8.93 19.44
C VAL B 280 -7.42 -9.56 18.53
N LYS B 281 -7.18 -10.80 18.10
CA LYS B 281 -8.15 -11.58 17.34
C LYS B 281 -7.86 -13.05 17.63
N ALA B 282 -8.68 -13.68 18.44
CA ALA B 282 -8.47 -15.10 18.78
C ALA B 282 -8.11 -15.91 17.53
N PRO B 283 -7.09 -16.80 17.61
CA PRO B 283 -6.34 -17.17 18.83
C PRO B 283 -5.07 -16.35 19.05
N GLY B 284 -4.96 -15.22 18.36
CA GLY B 284 -3.77 -14.42 18.44
C GLY B 284 -4.10 -12.96 18.21
N PHE B 285 -3.51 -12.43 17.14
CA PHE B 285 -3.57 -11.02 16.80
C PHE B 285 -3.85 -10.91 15.33
N GLU B 286 -4.15 -9.68 14.91
CA GLU B 286 -4.33 -9.33 13.51
C GLU B 286 -3.60 -8.04 13.24
N TRP B 287 -2.96 -8.00 12.07
CA TRP B 287 -2.32 -6.78 11.54
C TRP B 287 -3.32 -6.00 10.71
N ILE B 288 -3.49 -4.72 11.04
CA ILE B 288 -4.33 -3.82 10.26
CA ILE B 288 -4.32 -3.82 10.23
C ILE B 288 -3.40 -2.81 9.58
N PRO B 289 -3.15 -2.97 8.27
CA PRO B 289 -2.25 -2.01 7.62
C PRO B 289 -2.81 -0.61 7.63
N GLU B 290 -1.93 0.36 7.77
CA GLU B 290 -2.36 1.74 7.62
C GLU B 290 -2.83 1.98 6.20
N SER B 291 -3.85 2.82 6.03
CA SER B 291 -4.41 3.12 4.72
C SER B 291 -3.93 4.48 4.23
N PHE B 292 -3.68 4.60 2.93
CA PHE B 292 -3.12 5.81 2.35
C PHE B 292 -3.89 6.21 1.12
N MET B 293 -3.77 7.49 0.76
CA MET B 293 -4.39 8.03 -0.44
C MET B 293 -3.45 8.05 -1.66
N ASN B 294 -2.16 7.80 -1.41
CA ASN B 294 -1.14 7.83 -2.45
C ASN B 294 0.12 7.15 -1.94
ZN ZN C . -19.39 8.85 -9.10
ZN ZN D . -16.27 9.00 -8.07
ZN ZN E . 16.75 -10.77 11.20
ZN ZN F . 15.40 -9.22 8.62
#